data_4XDT
#
_entry.id   4XDT
#
_cell.length_a   116.777
_cell.length_b   46.992
_cell.length_c   57.566
_cell.angle_alpha   90.000
_cell.angle_beta   102.210
_cell.angle_gamma   90.000
#
_symmetry.space_group_name_H-M   'C 1 2 1'
#
loop_
_entity.id
_entity.type
_entity.pdbx_description
1 polymer 'FAD:protein FMN transferase'
2 non-polymer 'FLAVIN-ADENINE DINUCLEOTIDE'
3 non-polymer 'MAGNESIUM ION'
4 non-polymer 'SODIUM ION'
5 non-polymer 'ACETATE ION'
6 non-polymer 1,2-ETHANEDIOL
7 water water
#
_entity_poly.entity_id   1
_entity_poly.type   'polypeptide(L)'
_entity_poly.pdbx_seq_one_letter_code
;CGGRARVREYSRAELVIGTLCRVRVYSKRPAAEVHAALEEVFTLLQQQEMVLSAYRDDSALAALNAQAGSAPVVVDRSLY
ALLERALFFAEKSGGAFNPALGAVVKLWNIGFDRAAVPDPDALKEALTRCDFRQVHLRAGVSVGAPHTVQLAQAGMQLDL
GAIAKGFLADKIVQLLTAHALDSALVDLGGNIFALGLKYGDVRSAAAQRLEWNVGIRDPHGTGQKPALVVSVRDCSVVTS
GAYERFFERDGVRYHHIIDPVTGFPAHTDVDSVSIFAPRSTDADALATACFVLGYEKSCALLREFPGVDALFIFPDKRVR
ASAGIVDRVRVLDARFVLER
;
_entity_poly.pdbx_strand_id   A
#
loop_
_chem_comp.id
_chem_comp.type
_chem_comp.name
_chem_comp.formula
ACT non-polymer 'ACETATE ION' 'C2 H3 O2 -1'
EDO non-polymer 1,2-ETHANEDIOL 'C2 H6 O2'
FAD non-polymer 'FLAVIN-ADENINE DINUCLEOTIDE' 'C27 H33 N9 O15 P2'
MG non-polymer 'MAGNESIUM ION' 'Mg 2'
NA non-polymer 'SODIUM ION' 'Na 1'
#
# COMPACT_ATOMS: atom_id res chain seq x y z
N ALA A 5 -18.13 -11.62 31.05
CA ALA A 5 -16.91 -11.03 30.50
C ALA A 5 -17.20 -9.64 29.94
N ARG A 6 -16.32 -8.70 30.25
CA ARG A 6 -16.50 -7.32 29.82
C ARG A 6 -15.67 -7.00 28.57
N VAL A 7 -16.17 -6.06 27.77
CA VAL A 7 -15.42 -5.55 26.65
C VAL A 7 -14.38 -4.55 27.11
N ARG A 8 -13.20 -4.66 26.54
CA ARG A 8 -12.15 -3.71 26.83
C ARG A 8 -11.55 -3.27 25.50
N GLU A 9 -11.04 -2.06 25.47
CA GLU A 9 -10.46 -1.48 24.26
C GLU A 9 -8.98 -1.29 24.51
N TYR A 10 -8.16 -1.67 23.51
CA TYR A 10 -6.72 -1.60 23.63
C TYR A 10 -6.13 -0.92 22.39
N SER A 11 -5.00 -0.25 22.54
CA SER A 11 -4.27 0.20 21.37
C SER A 11 -2.78 0.15 21.69
N ARG A 12 -1.98 -0.01 20.63
CA ARG A 12 -0.54 0.09 20.76
C ARG A 12 0.02 0.65 19.46
N ALA A 13 1.07 1.45 19.57
CA ALA A 13 1.67 2.07 18.40
C ALA A 13 3.17 2.18 18.57
N GLU A 14 3.86 1.98 17.45
CA GLU A 14 5.32 2.08 17.41
C GLU A 14 5.74 2.65 16.08
N LEU A 15 6.92 3.24 16.07
CA LEU A 15 7.59 3.62 14.84
C LEU A 15 8.30 2.42 14.26
N VAL A 16 7.84 1.98 13.08
CA VAL A 16 8.41 0.80 12.43
C VAL A 16 7.99 0.87 10.97
N ILE A 17 8.74 0.19 10.09
CA ILE A 17 8.61 0.31 8.63
C ILE A 17 8.53 1.76 8.18
N GLY A 18 9.35 2.59 8.83
CA GLY A 18 9.47 3.99 8.49
C GLY A 18 8.27 4.88 8.76
N THR A 19 7.30 4.40 9.53
CA THR A 19 6.13 5.20 9.79
C THR A 19 5.50 4.83 11.13
N LEU A 20 4.39 5.46 11.47
CA LEU A 20 3.71 5.15 12.71
C LEU A 20 2.73 4.04 12.41
N CYS A 21 2.86 2.94 13.15
CA CYS A 21 1.94 1.80 12.99
C CYS A 21 1.17 1.62 14.28
N ARG A 22 -0.16 1.57 14.20
CA ARG A 22 -1.04 1.53 15.35
C ARG A 22 -2.07 0.44 15.14
N VAL A 23 -2.37 -0.29 16.18
CA VAL A 23 -3.44 -1.28 16.15
C VAL A 23 -4.33 -1.08 17.37
N ARG A 24 -5.63 -1.02 17.12
CA ARG A 24 -6.65 -0.82 18.12
C ARG A 24 -7.52 -2.05 18.10
N VAL A 25 -7.84 -2.59 19.28
CA VAL A 25 -8.60 -3.83 19.41
C VAL A 25 -9.71 -3.66 20.44
N TYR A 26 -10.87 -4.22 20.16
CA TYR A 26 -11.90 -4.40 21.18
C TYR A 26 -12.02 -5.88 21.41
N SER A 27 -12.01 -6.31 22.67
CA SER A 27 -12.10 -7.73 22.97
C SER A 27 -12.70 -8.01 24.31
N LYS A 28 -13.37 -9.15 24.41
CA LYS A 28 -13.77 -9.71 25.69
C LYS A 28 -12.81 -10.80 26.21
N ARG A 29 -11.76 -11.10 25.46
CA ARG A 29 -10.79 -12.09 25.90
C ARG A 29 -9.98 -11.53 27.07
N PRO A 30 -9.35 -12.42 27.86
CA PRO A 30 -8.46 -11.96 28.91
C PRO A 30 -7.42 -10.99 28.36
N ALA A 31 -7.14 -9.93 29.10
CA ALA A 31 -6.21 -8.91 28.65
C ALA A 31 -4.86 -9.49 28.30
N ALA A 32 -4.39 -10.49 29.03
CA ALA A 32 -3.10 -11.11 28.74
C ALA A 32 -3.10 -11.69 27.34
N GLU A 33 -4.24 -12.18 26.86
CA GLU A 33 -4.34 -12.71 25.50
C GLU A 33 -4.24 -11.62 24.46
N VAL A 34 -4.83 -10.47 24.74
CA VAL A 34 -4.75 -9.38 23.79
C VAL A 34 -3.36 -8.80 23.77
N HIS A 35 -2.74 -8.67 24.93
CA HIS A 35 -1.37 -8.19 25.03
C HIS A 35 -0.45 -9.12 24.24
N ALA A 36 -0.63 -10.42 24.34
CA ALA A 36 0.24 -11.34 23.59
C ALA A 36 0.06 -11.14 22.08
N ALA A 37 -1.17 -10.97 21.63
CA ALA A 37 -1.42 -10.73 20.21
C ALA A 37 -0.73 -9.47 19.75
N LEU A 38 -0.85 -8.38 20.50
CA LEU A 38 -0.21 -7.14 20.11
C LEU A 38 1.31 -7.20 20.15
N GLU A 39 1.89 -7.93 21.09
CA GLU A 39 3.31 -8.18 21.11
C GLU A 39 3.72 -8.82 19.79
N GLU A 40 2.94 -9.80 19.34
CA GLU A 40 3.26 -10.49 18.11
C GLU A 40 3.06 -9.63 16.90
N VAL A 41 2.05 -8.77 16.88
CA VAL A 41 1.89 -7.83 15.77
C VAL A 41 3.15 -7.00 15.58
N PHE A 42 3.72 -6.47 16.65
CA PHE A 42 4.82 -5.55 16.52
C PHE A 42 6.15 -6.27 16.32
N THR A 43 6.24 -7.52 16.77
CA THR A 43 7.38 -8.36 16.42
C THR A 43 7.33 -8.69 14.93
N LEU A 44 6.16 -9.01 14.41
CA LEU A 44 5.99 -9.26 12.97
C LEU A 44 6.46 -8.06 12.16
N LEU A 45 6.06 -6.86 12.53
CA LEU A 45 6.43 -5.66 11.80
C LEU A 45 7.95 -5.45 11.83
N GLN A 46 8.59 -5.69 12.96
CA GLN A 46 10.06 -5.60 13.03
C GLN A 46 10.71 -6.63 12.11
N GLN A 47 10.24 -7.87 12.16
CA GLN A 47 10.84 -8.93 11.35
C GLN A 47 10.65 -8.62 9.86
N GLN A 48 9.46 -8.19 9.47
CA GLN A 48 9.17 -7.98 8.06
C GLN A 48 9.83 -6.73 7.50
N GLU A 49 10.18 -5.78 8.35
CA GLU A 49 10.95 -4.63 7.88
C GLU A 49 12.26 -5.19 7.33
N MET A 50 12.81 -6.23 7.96
CA MET A 50 14.07 -6.83 7.52
C MET A 50 13.94 -7.77 6.31
N VAL A 51 12.74 -8.10 5.92
CA VAL A 51 12.50 -8.91 4.73
C VAL A 51 12.25 -7.99 3.55
N LEU A 52 11.40 -6.97 3.74
CA LEU A 52 10.79 -6.24 2.62
C LEU A 52 11.40 -4.91 2.28
N SER A 53 12.24 -4.36 3.15
CA SER A 53 12.67 -2.98 3.01
C SER A 53 13.62 -2.75 1.84
N ALA A 54 13.34 -1.70 1.07
CA ALA A 54 14.21 -1.30 -0.02
C ALA A 54 15.22 -0.27 0.46
N TYR A 55 15.01 0.26 1.66
CA TYR A 55 15.91 1.26 2.23
C TYR A 55 17.16 0.63 2.83
N ARG A 56 17.02 -0.57 3.39
CA ARG A 56 18.09 -1.21 4.15
C ARG A 56 18.95 -2.12 3.29
N ASP A 57 20.24 -2.18 3.62
CA ASP A 57 21.19 -3.00 2.89
C ASP A 57 21.13 -4.47 3.29
N ASP A 58 20.51 -4.76 4.43
CA ASP A 58 20.55 -6.11 5.01
C ASP A 58 19.22 -6.84 4.90
N SER A 59 18.32 -6.35 4.06
CA SER A 59 17.01 -6.99 3.92
C SER A 59 17.06 -8.16 2.92
N ALA A 60 16.08 -9.05 3.01
CA ALA A 60 15.96 -10.11 2.02
C ALA A 60 15.81 -9.52 0.63
N LEU A 61 15.05 -8.43 0.51
CA LEU A 61 14.83 -7.83 -0.79
C LEU A 61 16.12 -7.21 -1.34
N ALA A 62 16.92 -6.62 -0.45
CA ALA A 62 18.17 -6.05 -0.87
C ALA A 62 19.09 -7.15 -1.37
N ALA A 63 19.05 -8.30 -0.72
CA ALA A 63 19.88 -9.43 -1.16
C ALA A 63 19.44 -9.94 -2.52
N LEU A 64 18.13 -10.01 -2.73
CA LEU A 64 17.59 -10.41 -4.02
C LEU A 64 18.04 -9.46 -5.13
N ASN A 65 17.93 -8.16 -4.86
CA ASN A 65 18.34 -7.16 -5.84
C ASN A 65 19.83 -7.23 -6.16
N ALA A 66 20.63 -7.68 -5.21
CA ALA A 66 22.07 -7.82 -5.44
C ALA A 66 22.39 -8.94 -6.44
N GLN A 67 21.40 -9.80 -6.70
CA GLN A 67 21.59 -10.94 -7.62
C GLN A 67 20.89 -10.77 -8.97
N ALA A 68 20.50 -9.54 -9.29
CA ALA A 68 19.91 -9.26 -10.59
C ALA A 68 20.86 -9.63 -11.71
N GLY A 69 20.35 -10.37 -12.69
CA GLY A 69 21.13 -10.77 -13.84
C GLY A 69 21.92 -12.04 -13.59
N SER A 70 21.69 -12.65 -12.43
CA SER A 70 22.37 -13.88 -12.07
C SER A 70 21.35 -15.01 -11.85
N ALA A 71 21.67 -15.92 -10.95
CA ALA A 71 20.89 -17.15 -10.80
C ALA A 71 19.67 -16.93 -9.92
N PRO A 72 18.71 -17.85 -9.98
CA PRO A 72 17.53 -17.74 -9.11
C PRO A 72 17.86 -17.81 -7.63
N VAL A 73 17.07 -17.11 -6.84
CA VAL A 73 17.30 -17.00 -5.40
C VAL A 73 16.14 -17.64 -4.67
N VAL A 74 16.43 -18.47 -3.68
CA VAL A 74 15.37 -19.00 -2.81
C VAL A 74 14.77 -17.95 -1.89
N VAL A 75 13.44 -17.88 -1.85
CA VAL A 75 12.71 -16.98 -0.95
C VAL A 75 11.66 -17.78 -0.15
N ASP A 76 11.21 -17.22 0.95
CA ASP A 76 10.14 -17.87 1.72
C ASP A 76 8.83 -17.71 0.95
N ARG A 77 7.86 -18.56 1.30
CA ARG A 77 6.61 -18.67 0.59
C ARG A 77 5.84 -17.35 0.63
N SER A 78 5.99 -16.62 1.74
CA SER A 78 5.27 -15.38 1.96
C SER A 78 5.75 -14.29 0.99
N LEU A 79 7.06 -14.15 0.85
CA LEU A 79 7.60 -13.18 -0.08
C LEU A 79 7.27 -13.57 -1.52
N TYR A 80 7.33 -14.87 -1.82
CA TYR A 80 6.99 -15.35 -3.15
C TYR A 80 5.53 -14.97 -3.48
N ALA A 81 4.64 -15.16 -2.53
CA ALA A 81 3.22 -14.88 -2.73
C ALA A 81 2.99 -13.40 -2.97
N LEU A 82 3.70 -12.55 -2.24
CA LEU A 82 3.58 -11.12 -2.43
C LEU A 82 4.06 -10.72 -3.82
N LEU A 83 5.17 -11.29 -4.25
CA LEU A 83 5.71 -10.98 -5.56
C LEU A 83 4.76 -11.43 -6.66
N GLU A 84 4.15 -12.59 -6.49
CA GLU A 84 3.16 -13.07 -7.44
C GLU A 84 2.00 -12.08 -7.56
N ARG A 85 1.51 -11.59 -6.43
CA ARG A 85 0.37 -10.67 -6.46
C ARG A 85 0.80 -9.35 -7.07
N ALA A 86 1.99 -8.89 -6.75
CA ALA A 86 2.49 -7.65 -7.35
C ALA A 86 2.60 -7.74 -8.88
N LEU A 87 3.11 -8.86 -9.39
CA LEU A 87 3.22 -9.05 -10.84
C LEU A 87 1.84 -9.14 -11.48
N PHE A 88 0.89 -9.75 -10.77
CA PHE A 88 -0.50 -9.77 -11.23
C PHE A 88 -1.05 -8.35 -11.42
N PHE A 89 -0.87 -7.47 -10.45
CA PHE A 89 -1.37 -6.11 -10.59
C PHE A 89 -0.58 -5.30 -11.62
N ALA A 90 0.70 -5.60 -11.79
CA ALA A 90 1.48 -4.97 -12.84
C ALA A 90 0.88 -5.31 -14.19
N GLU A 91 0.56 -6.58 -14.40
CA GLU A 91 0.03 -7.01 -15.68
C GLU A 91 -1.36 -6.39 -15.89
N LYS A 92 -2.24 -6.49 -14.90
CA LYS A 92 -3.59 -5.98 -15.06
C LYS A 92 -3.65 -4.48 -15.28
N SER A 93 -2.73 -3.74 -14.67
CA SER A 93 -2.72 -2.29 -14.78
C SER A 93 -1.86 -1.79 -15.94
N GLY A 94 -1.35 -2.70 -16.77
CA GLY A 94 -0.55 -2.30 -17.92
C GLY A 94 0.75 -1.63 -17.48
N GLY A 95 1.22 -2.03 -16.30
CA GLY A 95 2.45 -1.54 -15.71
C GLY A 95 2.34 -0.19 -15.04
N ALA A 96 1.12 0.32 -14.83
CA ALA A 96 0.94 1.58 -14.11
C ALA A 96 1.45 1.42 -12.68
N PHE A 97 1.11 0.28 -12.06
CA PHE A 97 1.79 -0.23 -10.88
C PHE A 97 2.89 -1.15 -11.41
N ASN A 98 4.12 -0.91 -10.95
CA ASN A 98 5.27 -1.68 -11.41
C ASN A 98 6.15 -1.92 -10.19
N PRO A 99 6.26 -3.18 -9.74
CA PRO A 99 7.08 -3.51 -8.57
C PRO A 99 8.60 -3.63 -8.84
N ALA A 100 8.99 -3.39 -10.07
CA ALA A 100 10.40 -3.46 -10.48
C ALA A 100 10.91 -2.09 -10.93
N LEU A 101 10.43 -1.04 -10.26
CA LEU A 101 10.75 0.34 -10.61
C LEU A 101 11.92 0.91 -9.79
N GLY A 102 12.61 0.03 -9.06
CA GLY A 102 13.69 0.47 -8.19
C GLY A 102 14.79 1.29 -8.84
N ALA A 103 15.18 0.94 -10.06
CA ALA A 103 16.21 1.71 -10.77
C ALA A 103 15.82 3.20 -10.88
N VAL A 104 14.54 3.47 -11.10
CA VAL A 104 14.06 4.84 -11.25
C VAL A 104 13.80 5.49 -9.90
N VAL A 105 13.16 4.75 -9.01
CA VAL A 105 12.82 5.29 -7.70
C VAL A 105 14.08 5.72 -6.94
N LYS A 106 15.12 4.88 -6.97
CA LYS A 106 16.39 5.22 -6.31
C LYS A 106 17.01 6.52 -6.82
N LEU A 107 16.85 6.84 -8.09
CA LEU A 107 17.29 8.12 -8.60
C LEU A 107 16.45 9.27 -8.01
N TRP A 108 15.15 9.04 -7.87
CA TRP A 108 14.29 10.05 -7.25
C TRP A 108 14.40 10.03 -5.72
N ASN A 109 14.78 8.89 -5.12
CA ASN A 109 14.91 8.83 -3.67
C ASN A 109 16.09 9.69 -3.21
N ILE A 110 17.14 9.74 -4.00
CA ILE A 110 18.27 10.61 -3.69
C ILE A 110 17.93 12.06 -4.03
N GLY A 111 17.03 12.26 -5.00
CA GLY A 111 16.53 13.59 -5.29
C GLY A 111 15.79 14.19 -4.11
N PHE A 112 14.99 13.36 -3.42
CA PHE A 112 14.27 13.80 -2.22
C PHE A 112 15.26 14.26 -1.16
N ASP A 113 16.29 13.46 -0.95
CA ASP A 113 17.31 13.75 0.06
C ASP A 113 18.06 15.03 -0.26
N ARG A 114 18.30 15.29 -1.55
CA ARG A 114 19.09 16.44 -1.98
C ARG A 114 18.23 17.58 -2.54
N ALA A 115 16.92 17.38 -2.59
CA ALA A 115 15.99 18.36 -3.16
C ALA A 115 16.38 18.75 -4.59
N ALA A 116 16.66 17.73 -5.42
CA ALA A 116 17.10 17.97 -6.79
C ALA A 116 16.55 16.91 -7.76
N VAL A 117 16.23 17.34 -8.98
CA VAL A 117 15.66 16.47 -10.01
C VAL A 117 16.75 15.65 -10.71
N PRO A 118 16.50 14.35 -10.98
CA PRO A 118 17.50 13.52 -11.69
C PRO A 118 17.76 13.93 -13.14
N ASP A 119 18.96 13.62 -13.63
CA ASP A 119 19.32 13.85 -15.03
C ASP A 119 18.40 13.10 -15.98
N PRO A 120 18.22 13.62 -17.21
CA PRO A 120 17.29 13.03 -18.17
C PRO A 120 17.79 11.74 -18.80
N ASP A 121 19.05 11.69 -19.21
CA ASP A 121 19.61 10.48 -19.80
C ASP A 121 19.72 9.37 -18.75
N ALA A 122 20.05 9.75 -17.52
CA ALA A 122 20.10 8.82 -16.39
C ALA A 122 18.73 8.18 -16.15
N LEU A 123 17.67 8.98 -16.22
CA LEU A 123 16.33 8.46 -16.04
C LEU A 123 15.94 7.57 -17.20
N LYS A 124 16.33 7.98 -18.41
CA LYS A 124 16.01 7.17 -19.57
C LYS A 124 16.71 5.82 -19.47
N GLU A 125 17.95 5.83 -19.00
CA GLU A 125 18.72 4.60 -18.84
C GLU A 125 18.08 3.74 -17.76
N ALA A 126 17.65 4.39 -16.68
CA ALA A 126 17.01 3.68 -15.57
C ALA A 126 15.75 2.94 -16.02
N LEU A 127 14.95 3.58 -16.87
CA LEU A 127 13.72 2.95 -17.34
C LEU A 127 13.94 1.67 -18.14
N THR A 128 15.13 1.51 -18.72
CA THR A 128 15.45 0.27 -19.43
C THR A 128 15.62 -0.92 -18.51
N ARG A 129 15.71 -0.64 -17.21
CA ARG A 129 15.92 -1.69 -16.22
C ARG A 129 14.71 -1.88 -15.31
N CYS A 130 13.51 -1.61 -15.82
CA CYS A 130 12.28 -1.72 -15.01
C CYS A 130 11.22 -2.62 -15.62
N ASP A 131 11.62 -3.58 -16.44
CA ASP A 131 10.66 -4.47 -17.08
C ASP A 131 10.26 -5.60 -16.14
N PHE A 132 9.10 -5.45 -15.50
CA PHE A 132 8.65 -6.44 -14.52
C PHE A 132 8.40 -7.81 -15.16
N ARG A 133 8.27 -7.87 -16.48
CA ARG A 133 8.07 -9.15 -17.15
C ARG A 133 9.33 -10.00 -17.12
N GLN A 134 10.45 -9.40 -16.70
CA GLN A 134 11.71 -10.11 -16.55
C GLN A 134 11.96 -10.60 -15.12
N VAL A 135 10.96 -10.46 -14.24
CA VAL A 135 10.98 -11.10 -12.93
C VAL A 135 10.35 -12.47 -13.08
N HIS A 136 11.17 -13.49 -12.89
CA HIS A 136 10.71 -14.86 -13.09
C HIS A 136 10.54 -15.59 -11.78
N LEU A 137 9.30 -15.94 -11.49
CA LEU A 137 8.94 -16.68 -10.31
C LEU A 137 8.75 -18.14 -10.70
N ARG A 138 9.44 -19.03 -9.99
CA ARG A 138 9.31 -20.47 -10.21
C ARG A 138 9.20 -21.22 -8.89
N ALA A 139 8.31 -22.20 -8.82
CA ALA A 139 8.16 -22.99 -7.62
C ALA A 139 7.83 -24.40 -8.02
N GLY A 140 8.62 -25.35 -7.54
CA GLY A 140 8.43 -26.71 -7.91
C GLY A 140 7.16 -27.25 -7.27
N VAL A 141 6.68 -28.36 -7.80
CA VAL A 141 5.38 -28.88 -7.40
C VAL A 141 5.51 -30.03 -6.39
N SER A 142 6.72 -30.51 -6.16
CA SER A 142 6.96 -31.66 -5.29
C SER A 142 7.03 -31.21 -3.83
N VAL A 143 6.93 -32.19 -2.95
CA VAL A 143 6.91 -31.92 -1.53
C VAL A 143 8.16 -31.17 -1.08
N GLY A 144 7.93 -30.06 -0.39
CA GLY A 144 9.01 -29.25 0.13
C GLY A 144 9.85 -28.55 -0.92
N ALA A 145 9.39 -28.48 -2.16
CA ALA A 145 10.18 -27.80 -3.19
C ALA A 145 10.31 -26.31 -2.89
N PRO A 146 11.49 -25.72 -3.13
CA PRO A 146 11.67 -24.29 -2.83
C PRO A 146 10.95 -23.35 -3.80
N HIS A 147 10.75 -22.13 -3.33
CA HIS A 147 10.21 -21.05 -4.13
C HIS A 147 11.39 -20.18 -4.55
N THR A 148 11.46 -19.82 -5.83
CA THR A 148 12.59 -19.02 -6.33
C THR A 148 12.18 -17.80 -7.15
N VAL A 149 13.07 -16.81 -7.12
CA VAL A 149 12.90 -15.60 -7.90
C VAL A 149 14.17 -15.34 -8.69
N GLN A 150 14.02 -15.04 -9.99
CA GLN A 150 15.16 -14.61 -10.79
C GLN A 150 14.87 -13.27 -11.44
N LEU A 151 15.80 -12.34 -11.29
CA LEU A 151 15.73 -11.05 -11.97
C LEU A 151 16.60 -11.14 -13.20
N ALA A 152 15.98 -11.32 -14.36
CA ALA A 152 16.70 -11.67 -15.58
C ALA A 152 17.48 -10.52 -16.19
N GLN A 153 16.98 -9.31 -15.97
CA GLN A 153 17.49 -8.06 -16.59
C GLN A 153 18.58 -7.51 -15.65
N ALA A 154 19.79 -7.34 -16.16
CA ALA A 154 20.87 -6.82 -15.33
C ALA A 154 20.52 -5.41 -14.81
N GLY A 155 20.79 -5.16 -13.53
CA GLY A 155 20.55 -3.86 -12.94
C GLY A 155 19.12 -3.56 -12.52
N MET A 156 18.23 -4.53 -12.68
CA MET A 156 16.84 -4.30 -12.29
C MET A 156 16.72 -4.45 -10.79
N GLN A 157 15.80 -3.67 -10.20
CA GLN A 157 15.64 -3.61 -8.76
CA GLN A 157 15.64 -3.60 -8.75
C GLN A 157 14.17 -3.64 -8.36
N LEU A 158 13.81 -4.59 -7.50
CA LEU A 158 12.49 -4.62 -6.93
C LEU A 158 12.34 -3.52 -5.91
N ASP A 159 11.16 -2.95 -5.89
CA ASP A 159 10.78 -1.99 -4.84
C ASP A 159 9.32 -2.24 -4.58
N LEU A 160 9.01 -2.70 -3.38
CA LEU A 160 7.64 -3.10 -3.03
C LEU A 160 6.94 -2.05 -2.19
N GLY A 161 7.44 -0.82 -2.22
CA GLY A 161 6.86 0.23 -1.39
C GLY A 161 5.38 0.48 -1.59
N ALA A 162 4.87 0.21 -2.79
CA ALA A 162 3.49 0.50 -3.11
C ALA A 162 2.52 -0.66 -2.81
N ILE A 163 3.03 -1.76 -2.26
CA ILE A 163 2.19 -2.92 -1.94
C ILE A 163 2.54 -3.55 -0.57
N ALA A 164 3.67 -3.20 0.00
CA ALA A 164 4.14 -3.87 1.21
C ALA A 164 3.30 -3.53 2.43
N LYS A 165 2.84 -2.29 2.59
CA LYS A 165 2.00 -1.99 3.75
C LYS A 165 0.68 -2.75 3.65
N GLY A 166 0.11 -2.89 2.47
CA GLY A 166 -1.08 -3.69 2.31
C GLY A 166 -0.85 -5.13 2.70
N PHE A 167 0.25 -5.68 2.25
CA PHE A 167 0.64 -7.04 2.59
C PHE A 167 0.75 -7.20 4.11
N LEU A 168 1.45 -6.26 4.74
CA LEU A 168 1.62 -6.35 6.20
C LEU A 168 0.29 -6.19 6.95
N ALA A 169 -0.59 -5.33 6.48
CA ALA A 169 -1.89 -5.19 7.12
C ALA A 169 -2.67 -6.49 7.02
N ASP A 170 -2.62 -7.16 5.88
CA ASP A 170 -3.27 -8.44 5.72
C ASP A 170 -2.65 -9.50 6.64
N LYS A 171 -1.32 -9.52 6.74
CA LYS A 171 -0.67 -10.45 7.65
C LYS A 171 -1.06 -10.19 9.10
N ILE A 172 -1.20 -8.92 9.47
CA ILE A 172 -1.61 -8.57 10.82
C ILE A 172 -3.04 -9.03 11.07
N VAL A 173 -3.95 -8.83 10.13
CA VAL A 173 -5.32 -9.31 10.30
C VAL A 173 -5.35 -10.80 10.48
N GLN A 174 -4.55 -11.52 9.71
CA GLN A 174 -4.51 -12.97 9.85
C GLN A 174 -3.99 -13.35 11.23
N LEU A 175 -3.00 -12.64 11.72
CA LEU A 175 -2.50 -12.88 13.07
C LEU A 175 -3.54 -12.58 14.15
N LEU A 176 -4.22 -11.45 14.06
CA LEU A 176 -5.25 -11.14 15.05
C LEU A 176 -6.32 -12.22 15.07
N THR A 177 -6.77 -12.65 13.88
CA THR A 177 -7.77 -13.71 13.79
C THR A 177 -7.24 -15.02 14.38
N ALA A 178 -5.95 -15.31 14.20
CA ALA A 178 -5.36 -16.50 14.80
C ALA A 178 -5.40 -16.47 16.32
N HIS A 179 -5.40 -15.27 16.88
CA HIS A 179 -5.50 -15.06 18.31
C HIS A 179 -6.96 -14.86 18.78
N ALA A 180 -7.90 -15.25 17.93
CA ALA A 180 -9.34 -15.23 18.27
C ALA A 180 -9.87 -13.84 18.52
N LEU A 181 -9.27 -12.87 17.84
CA LEU A 181 -9.75 -11.50 17.85
C LEU A 181 -10.53 -11.22 16.58
N ASP A 182 -11.57 -10.43 16.69
CA ASP A 182 -12.45 -10.19 15.55
C ASP A 182 -12.92 -8.74 15.44
N SER A 183 -12.29 -7.83 16.20
CA SER A 183 -12.64 -6.41 16.17
C SER A 183 -11.36 -5.62 16.32
N ALA A 184 -10.91 -5.01 15.22
CA ALA A 184 -9.69 -4.22 15.26
C ALA A 184 -9.64 -3.20 14.16
N LEU A 185 -8.83 -2.16 14.39
CA LEU A 185 -8.49 -1.19 13.38
C LEU A 185 -6.98 -1.15 13.27
N VAL A 186 -6.49 -1.61 12.13
CA VAL A 186 -5.06 -1.67 11.86
C VAL A 186 -4.70 -0.45 11.00
N ASP A 187 -3.68 0.30 11.38
CA ASP A 187 -3.32 1.55 10.70
C ASP A 187 -1.82 1.60 10.55
N LEU A 188 -1.35 1.31 9.34
CA LEU A 188 0.08 1.32 9.06
C LEU A 188 0.40 2.55 8.24
N GLY A 189 0.77 3.63 8.89
CA GLY A 189 1.07 4.86 8.18
C GLY A 189 -0.09 5.28 7.30
N GLY A 190 -1.31 5.05 7.76
CA GLY A 190 -2.51 5.47 7.03
C GLY A 190 -3.13 4.39 6.17
N ASN A 191 -2.44 3.26 6.00
CA ASN A 191 -2.97 2.11 5.28
C ASN A 191 -3.85 1.35 6.28
N ILE A 192 -5.16 1.37 6.08
CA ILE A 192 -6.10 0.93 7.12
C ILE A 192 -6.72 -0.41 6.81
N PHE A 193 -6.86 -1.26 7.83
CA PHE A 193 -7.76 -2.40 7.72
C PHE A 193 -8.72 -2.35 8.90
N ALA A 194 -10.01 -2.36 8.57
CA ALA A 194 -11.10 -2.38 9.55
C ALA A 194 -11.61 -3.80 9.65
N LEU A 195 -11.27 -4.46 10.75
CA LEU A 195 -11.62 -5.84 11.01
C LEU A 195 -12.88 -5.85 11.87
N GLY A 196 -13.92 -6.51 11.37
CA GLY A 196 -15.13 -6.61 12.15
C GLY A 196 -15.84 -5.28 12.38
N LEU A 197 -16.51 -5.23 13.52
CA LEU A 197 -17.26 -4.06 13.95
C LEU A 197 -16.64 -3.55 15.25
N LYS A 198 -16.71 -2.25 15.47
CA LYS A 198 -16.31 -1.70 16.75
C LYS A 198 -17.46 -1.79 17.75
N TYR A 199 -17.24 -1.28 18.96
CA TYR A 199 -18.29 -1.25 19.99
C TYR A 199 -18.56 0.23 20.22
N GLY A 200 -19.76 0.55 20.67
CA GLY A 200 -20.14 1.94 20.87
C GLY A 200 -19.57 2.50 22.16
N ALA A 207 -22.68 -1.54 24.30
CA ALA A 207 -22.90 -2.91 23.87
C ALA A 207 -23.26 -2.97 22.38
N GLN A 208 -23.59 -1.82 21.79
CA GLN A 208 -23.95 -1.78 20.39
C GLN A 208 -22.71 -1.99 19.54
N ARG A 209 -22.87 -2.73 18.45
CA ARG A 209 -21.78 -2.93 17.50
C ARG A 209 -22.00 -2.01 16.30
N LEU A 210 -20.93 -1.34 15.88
CA LEU A 210 -21.03 -0.34 14.83
C LEU A 210 -19.92 -0.51 13.83
N GLU A 211 -20.15 -0.06 12.60
CA GLU A 211 -19.07 -0.01 11.63
C GLU A 211 -17.96 0.94 12.03
N TRP A 212 -16.75 0.63 11.61
CA TRP A 212 -15.64 1.55 11.79
C TRP A 212 -15.81 2.73 10.85
N ASN A 213 -15.46 3.93 11.33
CA ASN A 213 -15.59 5.14 10.54
C ASN A 213 -14.23 5.63 10.12
N VAL A 214 -13.83 5.28 8.90
CA VAL A 214 -12.49 5.54 8.40
C VAL A 214 -12.40 6.90 7.73
N GLY A 215 -11.46 7.72 8.17
CA GLY A 215 -11.32 9.07 7.64
C GLY A 215 -10.45 9.08 6.40
N ILE A 216 -10.77 10.00 5.50
CA ILE A 216 -9.97 10.24 4.31
C ILE A 216 -9.60 11.72 4.32
N ARG A 217 -8.31 12.02 4.19
CA ARG A 217 -7.84 13.39 4.41
C ARG A 217 -8.08 14.31 3.21
N ASP A 218 -8.17 15.60 3.48
CA ASP A 218 -8.03 16.63 2.48
C ASP A 218 -6.63 16.44 1.86
N PRO A 219 -6.56 16.23 0.54
CA PRO A 219 -5.24 16.07 -0.09
C PRO A 219 -4.24 17.17 0.21
N HIS A 220 -4.72 18.39 0.42
CA HIS A 220 -3.87 19.54 0.71
C HIS A 220 -3.87 19.93 2.18
N GLY A 221 -4.43 19.09 3.02
CA GLY A 221 -4.59 19.42 4.43
C GLY A 221 -3.30 19.28 5.19
N THR A 222 -3.35 19.59 6.49
CA THR A 222 -2.21 19.36 7.38
C THR A 222 -2.28 17.94 7.97
N GLY A 223 -3.25 17.16 7.51
CA GLY A 223 -3.34 15.75 7.87
C GLY A 223 -4.12 15.48 9.15
N GLN A 224 -4.28 16.50 9.97
CA GLN A 224 -4.90 16.33 11.29
C GLN A 224 -6.31 15.74 11.19
N LYS A 225 -7.20 16.46 10.52
CA LYS A 225 -8.62 16.13 10.48
C LYS A 225 -8.99 15.47 9.16
N PRO A 226 -9.95 14.54 9.17
CA PRO A 226 -10.42 14.01 7.89
C PRO A 226 -11.39 14.95 7.17
N ALA A 227 -11.37 14.94 5.84
CA ALA A 227 -12.36 15.66 5.04
C ALA A 227 -13.67 14.88 4.92
N LEU A 228 -13.57 13.57 4.96
CA LEU A 228 -14.67 12.67 4.72
C LEU A 228 -14.47 11.50 5.65
N VAL A 229 -15.54 10.80 5.99
CA VAL A 229 -15.46 9.51 6.67
C VAL A 229 -16.34 8.50 5.96
N VAL A 230 -15.90 7.24 5.96
CA VAL A 230 -16.62 6.16 5.31
C VAL A 230 -16.80 4.99 6.31
N SER A 231 -18.04 4.55 6.48
CA SER A 231 -18.36 3.50 7.44
C SER A 231 -18.15 2.15 6.78
N VAL A 232 -17.30 1.31 7.36
CA VAL A 232 -16.96 0.02 6.75
C VAL A 232 -16.81 -1.11 7.79
N ARG A 233 -16.89 -2.34 7.29
CA ARG A 233 -16.67 -3.57 8.06
C ARG A 233 -15.82 -4.52 7.20
N ASP A 234 -14.81 -5.14 7.78
CA ASP A 234 -14.04 -6.19 7.12
C ASP A 234 -13.53 -5.74 5.76
N CYS A 235 -12.84 -4.60 5.78
CA CYS A 235 -12.53 -3.85 4.56
C CYS A 235 -11.19 -3.14 4.81
N SER A 236 -10.33 -3.11 3.79
CA SER A 236 -9.16 -2.25 3.83
C SER A 236 -9.52 -0.96 3.14
N VAL A 237 -8.92 0.13 3.58
CA VAL A 237 -9.04 1.42 2.90
C VAL A 237 -7.63 1.96 2.74
N VAL A 238 -7.21 2.11 1.49
CA VAL A 238 -5.85 2.61 1.20
C VAL A 238 -5.93 3.75 0.21
N THR A 239 -5.23 4.83 0.50
CA THR A 239 -5.29 6.06 -0.29
C THR A 239 -3.92 6.39 -0.83
N SER A 240 -3.88 6.74 -2.12
CA SER A 240 -2.70 7.29 -2.77
C SER A 240 -2.98 8.72 -3.18
N GLY A 241 -2.02 9.61 -2.95
CA GLY A 241 -2.20 11.02 -3.26
C GLY A 241 -0.88 11.68 -3.57
N ALA A 242 -0.93 12.81 -4.26
CA ALA A 242 0.28 13.51 -4.66
C ALA A 242 0.98 14.08 -3.44
N TYR A 243 0.20 14.70 -2.56
CA TYR A 243 0.79 15.53 -1.53
C TYR A 243 1.11 14.70 -0.29
N GLU A 244 1.09 13.37 -0.42
CA GLU A 244 1.52 12.47 0.64
C GLU A 244 3.00 12.66 0.96
N ARG A 245 3.81 12.78 -0.09
CA ARG A 245 5.26 12.82 0.01
C ARG A 245 5.85 13.45 -1.25
N PHE A 246 6.54 14.58 -1.08
CA PHE A 246 7.09 15.30 -2.20
C PHE A 246 8.19 16.22 -1.74
N PHE A 247 8.95 16.72 -2.70
CA PHE A 247 9.86 17.82 -2.47
C PHE A 247 9.61 18.88 -3.53
N GLU A 248 10.15 20.06 -3.31
CA GLU A 248 9.99 21.19 -4.22
C GLU A 248 11.33 21.66 -4.72
N ARG A 249 11.40 22.01 -6.01
CA ARG A 249 12.59 22.65 -6.55
C ARG A 249 12.21 23.64 -7.63
N ASP A 250 12.64 24.88 -7.45
CA ASP A 250 12.37 25.97 -8.39
C ASP A 250 10.89 26.04 -8.75
N GLY A 251 10.04 26.00 -7.73
CA GLY A 251 8.62 26.24 -7.88
C GLY A 251 7.83 25.04 -8.35
N VAL A 252 8.49 23.91 -8.55
CA VAL A 252 7.81 22.69 -9.02
C VAL A 252 7.81 21.62 -7.92
N ARG A 253 6.67 20.99 -7.70
CA ARG A 253 6.53 19.90 -6.73
C ARG A 253 6.71 18.55 -7.41
N TYR A 254 7.55 17.70 -6.83
CA TYR A 254 7.76 16.35 -7.33
C TYR A 254 7.37 15.35 -6.27
N HIS A 255 6.28 14.63 -6.50
CA HIS A 255 5.81 13.63 -5.56
C HIS A 255 6.37 12.22 -5.85
N HIS A 256 6.05 11.30 -4.97
CA HIS A 256 6.73 10.02 -4.92
C HIS A 256 6.15 8.93 -5.81
N ILE A 257 5.01 9.15 -6.46
CA ILE A 257 4.41 8.10 -7.28
C ILE A 257 4.79 8.35 -8.74
N ILE A 258 5.60 7.45 -9.27
CA ILE A 258 6.19 7.62 -10.58
C ILE A 258 5.30 7.04 -11.68
N ASP A 259 5.18 7.75 -12.81
CA ASP A 259 4.54 7.21 -14.01
C ASP A 259 5.63 6.45 -14.77
N PRO A 260 5.50 5.11 -14.90
CA PRO A 260 6.58 4.35 -15.54
C PRO A 260 6.78 4.64 -17.00
N VAL A 261 5.85 5.35 -17.64
CA VAL A 261 6.05 5.71 -19.04
C VAL A 261 6.99 6.90 -19.17
N THR A 262 6.87 7.86 -18.26
CA THR A 262 7.69 9.08 -18.31
C THR A 262 8.93 9.03 -17.42
N GLY A 263 8.90 8.21 -16.38
CA GLY A 263 9.95 8.24 -15.38
C GLY A 263 9.88 9.43 -14.44
N PHE A 264 8.80 10.21 -14.53
CA PHE A 264 8.57 11.36 -13.67
C PHE A 264 7.36 11.12 -12.79
N PRO A 265 7.23 11.89 -11.71
CA PRO A 265 6.02 11.80 -10.89
C PRO A 265 4.78 11.94 -11.76
N ALA A 266 3.78 11.08 -11.57
CA ALA A 266 2.62 11.05 -12.44
C ALA A 266 1.86 12.39 -12.47
N HIS A 267 1.50 12.80 -13.68
CA HIS A 267 0.60 13.94 -13.88
C HIS A 267 -0.77 13.34 -14.08
N THR A 268 -1.68 13.55 -13.14
CA THR A 268 -2.95 12.85 -13.16
C THR A 268 -4.09 13.81 -12.85
N ASP A 269 -5.32 13.38 -13.09
CA ASP A 269 -6.50 14.27 -12.97
C ASP A 269 -7.21 14.14 -11.63
N VAL A 270 -6.66 13.34 -10.72
CA VAL A 270 -7.20 13.23 -9.37
C VAL A 270 -6.17 13.67 -8.35
N ASP A 271 -6.64 14.20 -7.23
CA ASP A 271 -5.74 14.53 -6.12
C ASP A 271 -5.51 13.32 -5.24
N SER A 272 -6.50 12.43 -5.12
CA SER A 272 -6.28 11.18 -4.38
C SER A 272 -7.26 10.13 -4.84
N VAL A 273 -6.87 8.88 -4.65
CA VAL A 273 -7.75 7.77 -4.89
C VAL A 273 -7.67 6.86 -3.67
N SER A 274 -8.83 6.45 -3.17
CA SER A 274 -8.95 5.53 -2.04
C SER A 274 -9.63 4.28 -2.51
N ILE A 275 -8.99 3.13 -2.25
CA ILE A 275 -9.53 1.86 -2.66
C ILE A 275 -9.97 1.09 -1.42
N PHE A 276 -11.14 0.49 -1.55
CA PHE A 276 -11.80 -0.28 -0.50
C PHE A 276 -11.83 -1.71 -1.02
N ALA A 277 -11.16 -2.63 -0.33
CA ALA A 277 -11.05 -4.01 -0.79
C ALA A 277 -11.01 -4.97 0.38
N PRO A 278 -11.43 -6.22 0.18
CA PRO A 278 -11.29 -7.18 1.26
C PRO A 278 -9.86 -7.55 1.62
N ARG A 279 -8.93 -7.33 0.70
CA ARG A 279 -7.52 -7.53 0.96
C ARG A 279 -6.79 -6.22 0.85
N SER A 280 -6.04 -5.87 1.89
CA SER A 280 -5.25 -4.65 1.85
C SER A 280 -4.12 -4.68 0.80
N THR A 281 -3.57 -5.87 0.55
CA THR A 281 -2.55 -6.03 -0.51
C THR A 281 -3.10 -5.43 -1.80
N ASP A 282 -4.34 -5.79 -2.11
CA ASP A 282 -4.98 -5.43 -3.36
C ASP A 282 -5.33 -3.94 -3.37
N ALA A 283 -5.82 -3.43 -2.24
CA ALA A 283 -6.18 -2.01 -2.15
C ALA A 283 -4.95 -1.14 -2.33
N ASP A 284 -3.83 -1.60 -1.77
CA ASP A 284 -2.59 -0.83 -1.79
C ASP A 284 -2.08 -0.76 -3.25
N ALA A 285 -1.98 -1.91 -3.93
CA ALA A 285 -1.48 -1.91 -5.30
C ALA A 285 -2.40 -1.12 -6.20
N LEU A 286 -3.72 -1.33 -6.05
CA LEU A 286 -4.69 -0.66 -6.92
C LEU A 286 -4.72 0.85 -6.69
N ALA A 287 -4.51 1.31 -5.48
CA ALA A 287 -4.56 2.75 -5.24
C ALA A 287 -3.41 3.44 -6.00
N THR A 288 -2.24 2.84 -5.98
CA THR A 288 -1.10 3.35 -6.71
C THR A 288 -1.35 3.31 -8.24
N ALA A 289 -1.80 2.17 -8.74
CA ALA A 289 -2.13 2.03 -10.15
C ALA A 289 -3.14 3.07 -10.62
N CYS A 290 -4.21 3.24 -9.84
CA CYS A 290 -5.28 4.14 -10.22
C CYS A 290 -4.83 5.59 -10.20
N PHE A 291 -3.96 5.95 -9.25
CA PHE A 291 -3.42 7.31 -9.23
C PHE A 291 -2.65 7.60 -10.52
N VAL A 292 -1.81 6.64 -10.95
CA VAL A 292 -1.06 6.80 -12.18
C VAL A 292 -1.98 6.85 -13.40
N LEU A 293 -2.99 5.97 -13.41
CA LEU A 293 -3.86 5.86 -14.58
C LEU A 293 -4.80 7.03 -14.77
N GLY A 294 -5.19 7.68 -13.68
CA GLY A 294 -6.17 8.75 -13.73
C GLY A 294 -7.59 8.22 -13.72
N TYR A 295 -8.56 9.11 -13.63
CA TYR A 295 -9.93 8.70 -13.35
C TYR A 295 -10.56 7.73 -14.35
N GLU A 296 -10.60 8.10 -15.62
CA GLU A 296 -11.33 7.29 -16.61
C GLU A 296 -10.71 5.90 -16.76
N LYS A 297 -9.39 5.84 -16.88
CA LYS A 297 -8.74 4.54 -17.02
C LYS A 297 -8.81 3.73 -15.72
N SER A 298 -8.83 4.40 -14.57
CA SER A 298 -9.04 3.70 -13.31
C SER A 298 -10.40 3.03 -13.30
N CYS A 299 -11.43 3.75 -13.69
CA CYS A 299 -12.77 3.19 -13.72
C CYS A 299 -12.81 1.96 -14.62
N ALA A 300 -12.12 2.00 -15.76
CA ALA A 300 -12.03 0.83 -16.65
C ALA A 300 -11.33 -0.35 -15.97
N LEU A 301 -10.18 -0.09 -15.34
CA LEU A 301 -9.47 -1.14 -14.62
C LEU A 301 -10.34 -1.74 -13.54
N LEU A 302 -11.06 -0.90 -12.79
CA LEU A 302 -11.77 -1.38 -11.60
C LEU A 302 -12.98 -2.23 -11.96
N ARG A 303 -13.48 -2.11 -13.17
CA ARG A 303 -14.55 -3.00 -13.62
C ARG A 303 -14.06 -4.46 -13.68
N GLU A 304 -12.76 -4.65 -13.74
CA GLU A 304 -12.18 -5.98 -13.69
C GLU A 304 -12.14 -6.58 -12.27
N PHE A 305 -12.40 -5.75 -11.27
CA PHE A 305 -12.40 -6.12 -9.84
C PHE A 305 -13.72 -5.73 -9.17
N PRO A 306 -14.79 -6.46 -9.46
CA PRO A 306 -16.09 -6.08 -8.94
C PRO A 306 -16.18 -6.10 -7.41
N GLY A 307 -15.28 -6.80 -6.73
CA GLY A 307 -15.30 -6.82 -5.27
C GLY A 307 -14.68 -5.62 -4.57
N VAL A 308 -14.25 -4.64 -5.36
CA VAL A 308 -13.53 -3.47 -4.86
C VAL A 308 -14.37 -2.23 -5.13
N ASP A 309 -14.23 -1.26 -4.23
CA ASP A 309 -14.86 0.06 -4.43
C ASP A 309 -13.78 1.13 -4.39
N ALA A 310 -14.12 2.31 -4.88
CA ALA A 310 -13.16 3.38 -5.01
C ALA A 310 -13.79 4.73 -4.71
N LEU A 311 -12.97 5.63 -4.19
CA LEU A 311 -13.39 7.01 -3.93
C LEU A 311 -12.30 7.93 -4.46
N PHE A 312 -12.69 8.84 -5.35
CA PHE A 312 -11.79 9.76 -6.00
C PHE A 312 -12.05 11.17 -5.49
N ILE A 313 -10.98 11.88 -5.10
CA ILE A 313 -11.07 13.29 -4.76
C ILE A 313 -10.36 14.08 -5.86
N PHE A 314 -11.10 14.96 -6.51
CA PHE A 314 -10.58 15.73 -7.62
C PHE A 314 -10.03 17.06 -7.14
N PRO A 315 -9.20 17.72 -7.95
CA PRO A 315 -8.60 18.98 -7.55
C PRO A 315 -9.62 20.06 -7.29
N ASP A 316 -10.83 19.94 -7.85
CA ASP A 316 -11.88 20.93 -7.61
C ASP A 316 -12.76 20.59 -6.40
N LYS A 317 -12.29 19.62 -5.62
CA LYS A 317 -12.93 19.16 -4.38
C LYS A 317 -14.26 18.42 -4.61
N ARG A 318 -14.57 18.07 -5.84
CA ARG A 318 -15.61 17.08 -6.07
C ARG A 318 -15.11 15.68 -5.67
N VAL A 319 -16.04 14.88 -5.15
CA VAL A 319 -15.73 13.52 -4.71
C VAL A 319 -16.69 12.57 -5.43
N ARG A 320 -16.14 11.53 -6.04
CA ARG A 320 -16.95 10.52 -6.68
C ARG A 320 -16.62 9.17 -6.05
N ALA A 321 -17.65 8.43 -5.67
CA ALA A 321 -17.47 7.14 -5.01
C ALA A 321 -18.30 6.10 -5.74
N SER A 322 -17.79 4.88 -5.81
CA SER A 322 -18.51 3.82 -6.51
C SER A 322 -19.72 3.34 -5.70
N ALA A 323 -20.60 2.59 -6.36
CA ALA A 323 -21.93 2.30 -5.82
C ALA A 323 -21.88 1.53 -4.51
N GLY A 324 -20.84 0.74 -4.30
CA GLY A 324 -20.77 -0.07 -3.10
C GLY A 324 -20.43 0.68 -1.82
N ILE A 325 -19.95 1.91 -1.94
CA ILE A 325 -19.60 2.68 -0.75
C ILE A 325 -20.23 4.06 -0.67
N VAL A 326 -20.79 4.56 -1.77
CA VAL A 326 -21.21 5.96 -1.81
C VAL A 326 -22.24 6.32 -0.72
N ASP A 327 -23.13 5.39 -0.40
CA ASP A 327 -24.10 5.62 0.68
C ASP A 327 -23.47 5.59 2.09
N ARG A 328 -22.20 5.19 2.18
CA ARG A 328 -21.46 5.07 3.45
C ARG A 328 -20.54 6.26 3.70
N VAL A 329 -20.52 7.21 2.76
CA VAL A 329 -19.64 8.36 2.83
C VAL A 329 -20.34 9.54 3.50
N ARG A 330 -19.67 10.16 4.47
CA ARG A 330 -20.13 11.42 5.08
C ARG A 330 -19.06 12.48 4.89
N VAL A 331 -19.45 13.62 4.32
CA VAL A 331 -18.56 14.76 4.20
C VAL A 331 -18.46 15.53 5.52
N LEU A 332 -17.24 15.72 6.03
CA LEU A 332 -17.04 16.51 7.25
C LEU A 332 -16.58 17.94 6.96
N ASP A 333 -15.79 18.10 5.90
CA ASP A 333 -15.30 19.40 5.48
C ASP A 333 -16.18 19.87 4.32
N ALA A 334 -17.03 20.86 4.57
CA ALA A 334 -18.06 21.24 3.61
C ALA A 334 -17.53 21.90 2.33
N ARG A 335 -16.22 22.12 2.24
CA ARG A 335 -15.67 22.57 0.97
C ARG A 335 -15.73 21.46 -0.07
N PHE A 336 -15.82 20.21 0.36
CA PHE A 336 -15.89 19.07 -0.55
C PHE A 336 -17.33 18.71 -0.84
N VAL A 337 -17.58 18.26 -2.06
CA VAL A 337 -18.93 17.89 -2.47
C VAL A 337 -18.95 16.47 -2.98
N LEU A 338 -19.83 15.65 -2.42
CA LEU A 338 -19.98 14.26 -2.84
C LEU A 338 -21.02 14.24 -3.94
N GLU A 339 -20.58 13.85 -5.13
CA GLU A 339 -21.50 13.68 -6.25
C GLU A 339 -22.19 12.33 -6.07
N ARG A 340 -23.48 12.27 -6.36
CA ARG A 340 -24.26 11.06 -6.08
C ARG A 340 -24.79 10.45 -7.35
PA FAD B . 2.27 4.11 -2.47
O1A FAD B . 1.55 2.84 -1.91
O2A FAD B . 1.55 4.77 -3.61
O5B FAD B . 3.69 3.69 -2.83
C5B FAD B . 4.59 4.63 -3.46
C4B FAD B . 6.03 3.97 -3.35
O4B FAD B . 6.07 2.92 -4.18
C3B FAD B . 7.11 4.95 -3.77
O3B FAD B . 7.72 5.50 -2.63
C2B FAD B . 8.06 3.99 -4.52
O2B FAD B . 8.83 3.31 -3.47
C1B FAD B . 7.32 3.11 -5.15
N9A FAD B . 6.71 3.49 -6.39
C8A FAD B . 6.65 4.73 -6.95
N7A FAD B . 5.93 4.68 -8.10
C5A FAD B . 5.48 3.40 -8.22
C6A FAD B . 4.70 2.82 -9.18
N6A FAD B . 4.12 3.40 -10.34
N1A FAD B . 4.39 1.52 -9.07
C2A FAD B . 4.87 0.78 -8.02
N3A FAD B . 5.67 1.36 -7.09
C4A FAD B . 5.96 2.66 -7.17
N1 FAD B . 10.29 5.22 4.73
C2 FAD B . 11.39 5.95 5.34
O2 FAD B . 11.44 7.10 5.25
N3 FAD B . 12.43 5.22 6.08
C4 FAD B . 12.37 3.81 6.18
O4 FAD B . 13.19 3.23 6.78
C4X FAD B . 11.23 3.09 5.54
N5 FAD B . 11.17 1.67 5.67
C5X FAD B . 10.06 0.94 5.05
C6 FAD B . 10.00 -0.45 5.17
C7 FAD B . 8.96 -1.13 4.58
C7M FAD B . 9.09 -2.64 4.83
C8 FAD B . 7.97 -0.44 3.89
C8M FAD B . 6.83 -1.01 3.23
C9 FAD B . 8.03 0.95 3.77
C9A FAD B . 9.06 1.64 4.35
N10 FAD B . 9.11 3.09 4.22
C10 FAD B . 10.21 3.80 4.83
C1' FAD B . 8.08 3.83 3.48
C2' FAD B . 8.50 3.81 2.02
O2' FAD B . 9.12 5.05 1.71
C3' FAD B . 7.37 3.57 0.99
O3' FAD B . 7.77 4.19 -0.15
C4' FAD B . 5.96 4.10 1.45
O4' FAD B . 5.38 3.16 2.25
C5' FAD B . 5.01 4.31 0.29
O5' FAD B . 4.16 5.37 0.61
P FAD B . 2.63 5.28 0.23
O1P FAD B . 1.90 4.08 0.82
O2P FAD B . 1.89 6.55 0.67
O3P FAD B . 2.43 5.28 -1.39
H51A FAD B . 4.31 4.76 -4.50
H52A FAD B . 4.56 5.51 -2.98
H4B FAD B . 6.18 3.68 -2.46
H3B FAD B . 6.76 5.65 -4.38
HO3A FAD B . 7.87 6.39 -2.78
H2B FAD B . 8.67 4.49 -5.16
HO2A FAD B . 9.64 3.21 -3.72
H1B FAD B . 7.80 2.27 -5.24
H8A FAD B . 7.12 5.56 -6.59
H61A FAD B . 4.52 3.28 -11.15
H62A FAD B . 3.37 3.88 -10.28
H2A FAD B . 4.65 -0.18 -7.96
HN3 FAD B . 13.13 5.68 6.46
H6 FAD B . 10.72 -0.94 5.66
HM71 FAD B . 9.98 -2.96 4.50
HM72 FAD B . 9.01 -2.83 5.77
HM73 FAD B . 8.36 -3.13 4.32
HM81 FAD B . 6.73 -0.61 2.36
HM82 FAD B . 6.96 -1.99 3.13
HM83 FAD B . 6.01 -0.82 3.77
H9 FAD B . 7.36 1.41 3.31
H1'1 FAD B . 8.01 4.78 3.83
H1'2 FAD B . 7.25 3.38 3.58
H2' FAD B . 9.19 3.08 1.91
HO2' FAD B . 9.07 5.19 0.83
H3' FAD B . 7.30 2.59 0.82
HO3' FAD B . 8.43 3.74 -0.51
H4' FAD B . 6.06 4.92 1.94
HO4' FAD B . 5.37 3.45 3.08
H5'1 FAD B . 4.49 3.50 0.13
H5'2 FAD B . 5.50 4.52 -0.49
MG MG C . 0.03 1.52 -2.95
MG MG D . 0.75 2.43 0.04
NA NA E . 20.94 0.34 -18.94
NA NA F . -1.37 10.99 -16.47
C ACT G . -13.10 -11.19 21.16
O ACT G . -13.73 -10.96 22.23
OXT ACT G . -11.96 -10.69 21.00
CH3 ACT G . -13.71 -12.06 20.11
H1 ACT G . -14.71 -12.39 20.44
H2 ACT G . -13.09 -12.93 19.94
H3 ACT G . -13.82 -11.49 19.19
C ACT H . -15.74 -10.15 11.19
O ACT H . -16.86 -9.60 10.92
OXT ACT H . -14.97 -10.51 10.25
CH3 ACT H . -15.27 -10.33 12.59
H1 ACT H . -14.27 -10.77 12.59
H2 ACT H . -15.95 -10.99 13.13
H3 ACT H . -15.23 -9.36 13.09
C ACT I . -13.40 4.73 14.31
O ACT I . -14.53 4.38 13.93
OXT ACT I . -13.31 5.23 15.45
CH3 ACT I . -12.18 4.54 13.46
H1 ACT I . -11.29 4.88 14.00
H2 ACT I . -12.28 5.11 12.53
H3 ACT I . -12.07 3.48 13.22
C ACT J . -7.12 6.39 4.31
O ACT J . -7.50 7.41 3.70
OXT ACT J . -6.73 5.39 3.61
CH3 ACT J . -7.07 6.38 5.81
H1 ACT J . -6.67 5.43 6.16
H2 ACT J . -8.08 6.53 6.19
H3 ACT J . -6.43 7.20 6.15
C1 EDO K . -15.62 -4.50 -0.43
O1 EDO K . -14.59 -4.29 0.51
C2 EDO K . -15.82 -3.23 -1.26
O2 EDO K . -16.61 -2.31 -0.50
H11 EDO K . -16.54 -4.76 0.08
H12 EDO K . -15.34 -5.33 -1.10
HO1 EDO K . -14.45 -5.08 1.04
H21 EDO K . -16.32 -3.48 -2.20
H22 EDO K . -14.84 -2.78 -1.49
HO2 EDO K . -16.74 -1.51 -1.02
C1 EDO L . -17.10 -2.32 3.53
O1 EDO L . -18.07 -2.46 4.57
C2 EDO L . -17.61 -1.48 2.35
O2 EDO L . -18.50 -2.26 1.56
H11 EDO L . -16.82 -3.31 3.15
H12 EDO L . -16.20 -1.85 3.93
HO1 EDO L . -17.71 -3.00 5.28
H21 EDO L . -16.76 -1.15 1.75
H22 EDO L . -18.12 -0.59 2.73
HO2 EDO L . -18.82 -1.72 0.82
C1 EDO M . -15.16 0.73 25.10
O1 EDO M . -14.26 1.79 24.78
C2 EDO M . -14.49 -0.17 26.12
O2 EDO M . -15.45 -1.15 26.51
H11 EDO M . -15.40 0.17 24.20
H12 EDO M . -16.08 1.14 25.51
HO1 EDO M . -14.66 2.38 24.13
H21 EDO M . -14.17 0.42 26.98
H22 EDO M . -13.62 -0.65 25.68
HO2 EDO M . -15.05 -1.74 27.17
C1 EDO N . -6.54 -10.90 5.73
O1 EDO N . -6.54 -12.08 4.92
C2 EDO N . -7.14 -9.78 4.90
O2 EDO N . -8.42 -10.20 4.40
H11 EDO N . -5.52 -10.65 6.03
H12 EDO N . -7.14 -11.06 6.63
HO1 EDO N . -6.17 -12.82 5.41
H21 EDO N . -6.48 -9.55 4.06
H22 EDO N . -7.24 -8.88 5.51
HO2 EDO N . -8.81 -9.48 3.88
C1 EDO O . 1.33 2.93 -17.53
O1 EDO O . 2.59 2.23 -17.67
C2 EDO O . 1.53 4.26 -16.80
O2 EDO O . 1.30 5.41 -17.64
H11 EDO O . 0.62 2.31 -16.98
H12 EDO O . 0.91 3.11 -18.52
HO1 EDO O . 2.45 1.39 -18.13
H21 EDO O . 2.55 4.31 -16.41
H22 EDO O . 0.84 4.30 -15.95
HO2 EDO O . 1.43 6.22 -17.12
#